data_5QU9
#
_entry.id   5QU9
#
_cell.length_a   63.517
_cell.length_b   63.517
_cell.length_c   345.928
_cell.angle_alpha   90.000
_cell.angle_beta   90.000
_cell.angle_gamma   120.000
#
_symmetry.space_group_name_H-M   'P 65 2 2'
#
loop_
_entity.id
_entity.type
_entity.pdbx_description
1 polymer 'Ras-related C3 botulinum toxin substrate 1'
2 polymer Kalirin
3 non-polymer 1,2-ETHANEDIOL
4 water water
#
loop_
_entity_poly.entity_id
_entity_poly.type
_entity_poly.pdbx_seq_one_letter_code
_entity_poly.pdbx_strand_id
1 'polypeptide(L)'
;SMQAIKCVVVGDGAVGKTCLLISYTTNAFPGEYIPTVFDNYSANVMVDGKPVNLGLWDTAGQEDYDRLRPLSYPQTDVFL
ICFSLVSPASFENVRAKWYPEVRHHCPNTPIILVGTKLDLRDDKDTIEKLKEKKLTPITYPQGLAMAKEIGAVKYLECSA
LTQRGLKTVFDEAIRAVL
;
A
2 'polypeptide(L)'
;SMRKKEFIMAELLQTEKAYVRDLHECLETYLWEMTSGVEEIPPGILNKEHIIFGNIQEIYDFHNNIFLKELEKYEQLPED
VGHCFVTWADKFQMYVTYCKNKPDSNQLILEHAGTFFDEIQQRHGLANSISSYLIKPVQRVTKYQLLLKELLTCCEEGKG
ELKDGLEVMLSVPKKANDAMHV
;
B
#
loop_
_chem_comp.id
_chem_comp.type
_chem_comp.name
_chem_comp.formula
EDO non-polymer 1,2-ETHANEDIOL 'C2 H6 O2'
#
# COMPACT_ATOMS: atom_id res chain seq x y z
N MET A 2 3.60 -8.73 23.72
CA MET A 2 2.45 -8.05 23.14
C MET A 2 2.24 -8.47 21.69
N GLN A 3 1.02 -8.88 21.37
CA GLN A 3 0.74 -9.46 20.06
C GLN A 3 0.74 -8.39 18.97
N ALA A 4 1.38 -8.72 17.85
CA ALA A 4 1.45 -7.86 16.67
C ALA A 4 0.49 -8.38 15.60
N ILE A 5 -0.18 -7.46 14.91
CA ILE A 5 -1.24 -7.80 13.98
C ILE A 5 -0.99 -7.09 12.66
N LYS A 6 -0.89 -7.86 11.57
CA LYS A 6 -0.77 -7.33 10.22
C LYS A 6 -2.14 -7.31 9.55
N CYS A 7 -2.64 -6.11 9.24
CA CYS A 7 -3.92 -5.92 8.56
C CYS A 7 -3.67 -5.25 7.22
N VAL A 8 -4.14 -5.87 6.14
CA VAL A 8 -3.95 -5.36 4.78
C VAL A 8 -5.31 -4.93 4.22
N VAL A 9 -5.36 -3.74 3.62
CA VAL A 9 -6.59 -3.14 3.13
C VAL A 9 -6.61 -3.26 1.60
N VAL A 10 -7.65 -3.90 1.05
CA VAL A 10 -7.75 -4.13 -0.40
C VAL A 10 -9.10 -3.69 -0.92
N GLY A 11 -9.16 -3.49 -2.25
CA GLY A 11 -10.39 -3.08 -2.94
C GLY A 11 -10.13 -2.11 -4.09
N ASP A 12 -11.18 -1.74 -4.82
CA ASP A 12 -11.04 -0.89 -6.01
C ASP A 12 -10.50 0.50 -5.66
N GLY A 13 -9.96 1.19 -6.67
CA GLY A 13 -9.59 2.59 -6.47
C GLY A 13 -10.73 3.44 -5.93
N ALA A 14 -11.98 3.16 -6.33
CA ALA A 14 -13.12 3.99 -5.95
C ALA A 14 -13.44 3.97 -4.44
N VAL A 15 -12.92 2.99 -3.68
CA VAL A 15 -13.34 2.86 -2.31
C VAL A 15 -12.76 3.93 -1.39
N GLY A 16 -11.63 4.55 -1.75
CA GLY A 16 -11.02 5.50 -0.84
C GLY A 16 -10.15 4.88 0.25
N LYS A 17 -9.32 3.88 -0.12
CA LYS A 17 -8.50 3.16 0.87
C LYS A 17 -7.55 4.10 1.62
N THR A 18 -6.83 4.95 0.87
CA THR A 18 -5.84 5.81 1.50
C THR A 18 -6.51 6.84 2.42
N CYS A 19 -7.57 7.47 1.94
CA CYS A 19 -8.31 8.43 2.75
C CYS A 19 -8.89 7.78 4.00
N LEU A 20 -9.40 6.55 3.88
CA LEU A 20 -9.91 5.80 5.03
C LEU A 20 -8.84 5.61 6.09
N LEU A 21 -7.64 5.21 5.68
CA LEU A 21 -6.58 4.95 6.65
C LEU A 21 -6.06 6.25 7.27
N ILE A 22 -5.97 7.31 6.47
CA ILE A 22 -5.51 8.59 7.01
C ILE A 22 -6.50 9.13 8.01
N SER A 23 -7.80 9.04 7.70
CA SER A 23 -8.81 9.57 8.60
C SER A 23 -8.88 8.77 9.91
N TYR A 24 -8.68 7.46 9.82
CA TYR A 24 -8.66 6.66 11.05
C TYR A 24 -7.45 6.98 11.90
N THR A 25 -6.24 6.99 11.32
CA THR A 25 -5.04 7.11 12.14
C THR A 25 -4.84 8.52 12.68
N THR A 26 -5.32 9.55 11.98
CA THR A 26 -5.19 10.92 12.45
C THR A 26 -6.45 11.44 13.12
N ASN A 27 -7.50 10.64 13.20
CA ASN A 27 -8.79 11.04 13.78
C ASN A 27 -9.38 12.27 13.08
N ALA A 28 -9.11 12.46 11.79
CA ALA A 28 -9.71 13.57 11.07
C ALA A 28 -9.68 13.33 9.57
N PHE A 29 -10.80 13.67 8.89
CA PHE A 29 -10.81 13.68 7.42
C PHE A 29 -9.78 14.68 6.91
N PRO A 30 -8.96 14.33 5.91
CA PRO A 30 -7.87 15.25 5.50
C PRO A 30 -8.37 16.50 4.80
N GLY A 31 -9.61 16.51 4.31
CA GLY A 31 -10.29 17.71 3.89
C GLY A 31 -9.72 18.40 2.67
N GLU A 32 -8.88 19.40 2.92
CA GLU A 32 -8.32 20.25 1.88
C GLU A 32 -7.72 19.44 0.75
N TYR A 33 -6.65 18.70 1.04
CA TYR A 33 -5.94 17.89 0.06
C TYR A 33 -5.93 16.44 0.54
N ILE A 34 -6.23 15.52 -0.37
CA ILE A 34 -6.26 14.10 -0.03
C ILE A 34 -4.94 13.46 -0.47
N PRO A 35 -4.06 13.08 0.46
CA PRO A 35 -2.76 12.52 0.06
C PRO A 35 -2.89 11.20 -0.70
N THR A 36 -1.91 10.92 -1.57
CA THR A 36 -1.93 9.63 -2.25
C THR A 36 -1.12 8.56 -1.53
N VAL A 37 -0.24 8.92 -0.59
CA VAL A 37 0.68 7.97 0.03
C VAL A 37 0.34 7.80 1.51
N PHE A 38 0.13 6.54 1.92
CA PHE A 38 0.04 6.11 3.31
C PHE A 38 1.10 5.04 3.51
N ASP A 39 2.20 5.36 4.21
CA ASP A 39 3.25 4.38 4.42
C ASP A 39 2.86 3.42 5.54
N ASN A 40 3.41 2.19 5.48
CA ASN A 40 3.11 1.17 6.47
C ASN A 40 3.19 1.73 7.88
N TYR A 41 2.18 1.41 8.69
CA TYR A 41 1.90 2.11 9.93
C TYR A 41 1.71 1.09 11.07
N SER A 42 2.15 1.45 12.27
CA SER A 42 1.90 0.61 13.45
C SER A 42 1.57 1.49 14.64
N ALA A 43 0.57 1.09 15.42
CA ALA A 43 0.21 1.79 16.64
C ALA A 43 -0.24 0.81 17.70
N ASN A 44 -0.05 1.19 18.95
CA ASN A 44 -0.67 0.49 20.07
C ASN A 44 -2.12 0.93 20.20
N VAL A 45 -3.03 -0.03 20.24
CA VAL A 45 -4.44 0.24 20.48
C VAL A 45 -4.95 -0.77 21.49
N MET A 46 -5.92 -0.34 22.28
CA MET A 46 -6.48 -1.15 23.37
C MET A 46 -7.86 -1.64 22.97
N VAL A 47 -8.04 -2.96 22.93
CA VAL A 47 -9.31 -3.58 22.61
C VAL A 47 -9.66 -4.55 23.72
N ASP A 48 -10.86 -4.39 24.27
CA ASP A 48 -11.40 -5.25 25.33
C ASP A 48 -10.39 -5.43 26.46
N GLY A 49 -9.82 -4.31 26.89
CA GLY A 49 -8.86 -4.30 27.98
C GLY A 49 -7.62 -5.15 27.74
N LYS A 50 -7.04 -5.05 26.55
CA LYS A 50 -5.83 -5.81 26.21
C LYS A 50 -5.05 -5.06 25.15
N PRO A 51 -3.77 -4.76 25.39
CA PRO A 51 -3.01 -3.98 24.41
C PRO A 51 -2.64 -4.81 23.19
N VAL A 52 -2.67 -4.17 22.04
CA VAL A 52 -2.41 -4.82 20.76
C VAL A 52 -1.62 -3.85 19.89
N ASN A 53 -0.64 -4.38 19.17
CA ASN A 53 0.11 -3.59 18.20
C ASN A 53 -0.50 -3.82 16.82
N LEU A 54 -1.24 -2.83 16.33
CA LEU A 54 -1.93 -2.92 15.04
C LEU A 54 -1.05 -2.37 13.93
N GLY A 55 -0.79 -3.19 12.91
CA GLY A 55 -0.07 -2.77 11.70
C GLY A 55 -1.03 -2.69 10.54
N LEU A 56 -0.90 -1.63 9.74
CA LEU A 56 -1.79 -1.35 8.62
C LEU A 56 -0.99 -1.12 7.35
N TRP A 57 -1.31 -1.87 6.29
CA TRP A 57 -0.71 -1.67 4.97
C TRP A 57 -1.78 -1.25 3.96
N ASP A 58 -1.51 -0.17 3.23
CA ASP A 58 -2.28 0.27 2.09
C ASP A 58 -1.85 -0.50 0.84
N THR A 59 -2.73 -0.51 -0.17
CA THR A 59 -2.43 -1.13 -1.46
C THR A 59 -2.73 -0.21 -2.66
N ALA A 60 -3.11 1.05 -2.43
CA ALA A 60 -3.44 1.94 -3.54
C ALA A 60 -2.28 2.05 -4.51
N GLY A 61 -2.60 2.07 -5.81
CA GLY A 61 -1.63 2.05 -6.88
C GLY A 61 -1.41 0.68 -7.51
N GLN A 62 -1.76 -0.41 -6.83
CA GLN A 62 -1.53 -1.75 -7.35
C GLN A 62 -2.74 -2.36 -8.05
N GLU A 63 -3.82 -1.59 -8.23
CA GLU A 63 -5.09 -2.12 -8.72
C GLU A 63 -4.99 -2.75 -10.11
N ASP A 64 -4.02 -2.35 -10.94
CA ASP A 64 -3.90 -2.93 -12.27
C ASP A 64 -2.76 -3.94 -12.41
N TYR A 65 -2.09 -4.31 -11.33
CA TYR A 65 -0.92 -5.20 -11.41
C TYR A 65 -1.22 -6.48 -10.62
N ASP A 66 -1.84 -7.46 -11.30
CA ASP A 66 -2.38 -8.65 -10.64
C ASP A 66 -1.31 -9.56 -10.06
N ARG A 67 -0.08 -9.54 -10.59
CA ARG A 67 0.97 -10.37 -10.01
C ARG A 67 1.82 -9.64 -8.97
N LEU A 68 1.76 -8.31 -8.90
CA LEU A 68 2.45 -7.58 -7.85
C LEU A 68 1.65 -7.55 -6.55
N ARG A 69 0.33 -7.44 -6.64
CA ARG A 69 -0.51 -7.37 -5.44
C ARG A 69 -0.26 -8.51 -4.45
N PRO A 70 -0.13 -9.78 -4.86
CA PRO A 70 0.05 -10.86 -3.86
C PRO A 70 1.37 -10.81 -3.12
N LEU A 71 2.32 -9.95 -3.52
CA LEU A 71 3.56 -9.86 -2.76
C LEU A 71 3.33 -9.28 -1.36
N SER A 72 2.23 -8.54 -1.16
CA SER A 72 1.88 -8.01 0.16
C SER A 72 1.12 -9.01 1.03
N TYR A 73 0.69 -10.15 0.50
CA TYR A 73 -0.29 -10.99 1.19
C TYR A 73 0.26 -11.99 2.23
N PRO A 74 1.46 -12.57 2.05
CA PRO A 74 1.94 -13.56 3.02
C PRO A 74 2.00 -13.03 4.45
N GLN A 75 1.62 -13.91 5.39
CA GLN A 75 1.64 -13.67 6.84
C GLN A 75 0.67 -12.55 7.26
N THR A 76 -0.38 -12.30 6.48
CA THR A 76 -1.41 -11.37 6.90
C THR A 76 -2.29 -12.04 7.96
N ASP A 77 -2.58 -11.29 9.03
CA ASP A 77 -3.46 -11.78 10.10
C ASP A 77 -4.94 -11.54 9.83
N VAL A 78 -5.30 -10.44 9.17
CA VAL A 78 -6.70 -10.16 8.84
C VAL A 78 -6.73 -9.21 7.65
N PHE A 79 -7.73 -9.39 6.78
CA PHE A 79 -7.92 -8.54 5.60
C PHE A 79 -9.17 -7.68 5.77
N LEU A 80 -9.09 -6.41 5.34
CA LEU A 80 -10.28 -5.63 5.06
C LEU A 80 -10.49 -5.63 3.55
N ILE A 81 -11.55 -6.29 3.08
CA ILE A 81 -11.97 -6.20 1.68
C ILE A 81 -13.05 -5.14 1.59
N CYS A 82 -12.78 -4.09 0.79
CA CYS A 82 -13.57 -2.86 0.78
C CYS A 82 -14.25 -2.61 -0.57
N PHE A 83 -15.41 -1.93 -0.52
CA PHE A 83 -16.10 -1.42 -1.69
C PHE A 83 -16.79 -0.12 -1.26
N SER A 84 -17.09 0.75 -2.24
CA SER A 84 -17.79 1.99 -1.96
C SER A 84 -19.29 1.75 -2.08
N LEU A 85 -20.05 2.22 -1.09
CA LEU A 85 -21.51 2.02 -1.08
C LEU A 85 -22.21 2.75 -2.22
N VAL A 86 -21.54 3.66 -2.91
CA VAL A 86 -22.19 4.32 -4.04
C VAL A 86 -21.51 3.95 -5.37
N SER A 87 -20.81 2.80 -5.41
CA SER A 87 -20.26 2.25 -6.66
C SER A 87 -20.62 0.78 -6.75
N PRO A 88 -21.73 0.45 -7.43
CA PRO A 88 -22.07 -0.96 -7.65
C PRO A 88 -20.99 -1.75 -8.37
N ALA A 89 -20.20 -1.11 -9.24
CA ALA A 89 -19.10 -1.83 -9.89
C ALA A 89 -18.08 -2.30 -8.87
N SER A 90 -17.75 -1.45 -7.88
CA SER A 90 -16.77 -1.83 -6.85
C SER A 90 -17.32 -2.95 -5.97
N PHE A 91 -18.62 -2.93 -5.67
CA PHE A 91 -19.24 -4.00 -4.91
C PHE A 91 -19.15 -5.34 -5.66
N GLU A 92 -19.47 -5.34 -6.96
CA GLU A 92 -19.38 -6.60 -7.72
C GLU A 92 -17.96 -7.13 -7.80
N ASN A 93 -16.95 -6.24 -7.80
CA ASN A 93 -15.56 -6.70 -7.86
C ASN A 93 -15.12 -7.38 -6.57
N VAL A 94 -15.86 -7.22 -5.46
CA VAL A 94 -15.61 -8.05 -4.28
C VAL A 94 -15.69 -9.52 -4.67
N ARG A 95 -16.73 -9.89 -5.42
CA ARG A 95 -16.95 -11.28 -5.82
C ARG A 95 -16.06 -11.68 -7.00
N ALA A 96 -15.82 -10.75 -7.92
CA ALA A 96 -15.12 -11.08 -9.16
C ALA A 96 -13.60 -11.02 -9.03
N LYS A 97 -13.08 -10.18 -8.14
CA LYS A 97 -11.66 -9.85 -8.16
C LYS A 97 -10.99 -10.05 -6.79
N TRP A 98 -11.53 -9.45 -5.73
CA TRP A 98 -10.80 -9.37 -4.46
C TRP A 98 -10.88 -10.66 -3.66
N TYR A 99 -12.09 -11.17 -3.42
CA TYR A 99 -12.21 -12.43 -2.69
C TYR A 99 -11.46 -13.59 -3.35
N PRO A 100 -11.55 -13.82 -4.68
CA PRO A 100 -10.78 -14.94 -5.27
C PRO A 100 -9.28 -14.91 -5.02
N GLU A 101 -8.61 -13.75 -5.11
CA GLU A 101 -7.16 -13.78 -4.92
C GLU A 101 -6.78 -13.82 -3.44
N VAL A 102 -7.53 -13.14 -2.58
CA VAL A 102 -7.23 -13.23 -1.15
C VAL A 102 -7.38 -14.68 -0.67
N ARG A 103 -8.42 -15.37 -1.11
CA ARG A 103 -8.64 -16.75 -0.66
C ARG A 103 -7.59 -17.69 -1.22
N HIS A 104 -7.21 -17.48 -2.48
CA HIS A 104 -6.22 -18.37 -3.10
C HIS A 104 -4.87 -18.28 -2.40
N HIS A 105 -4.46 -17.08 -2.00
CA HIS A 105 -3.16 -16.91 -1.34
C HIS A 105 -3.22 -17.07 0.17
N CYS A 106 -4.37 -16.80 0.80
CA CYS A 106 -4.49 -16.82 2.25
C CYS A 106 -5.77 -17.55 2.63
N PRO A 107 -5.83 -18.87 2.41
CA PRO A 107 -7.11 -19.59 2.59
C PRO A 107 -7.62 -19.62 4.03
N ASN A 108 -6.79 -19.41 5.05
CA ASN A 108 -7.25 -19.48 6.44
C ASN A 108 -7.24 -18.13 7.14
N THR A 109 -7.17 -17.02 6.40
CA THR A 109 -7.10 -15.72 7.07
C THR A 109 -8.47 -15.09 7.12
N PRO A 110 -8.89 -14.54 8.26
CA PRO A 110 -10.22 -13.91 8.34
C PRO A 110 -10.35 -12.65 7.49
N ILE A 111 -11.59 -12.39 7.07
CA ILE A 111 -11.94 -11.25 6.23
C ILE A 111 -13.06 -10.45 6.90
N ILE A 112 -12.93 -9.13 6.87
CA ILE A 112 -14.03 -8.21 7.18
C ILE A 112 -14.44 -7.51 5.89
N LEU A 113 -15.74 -7.54 5.58
CA LEU A 113 -16.27 -6.81 4.44
C LEU A 113 -16.68 -5.41 4.86
N VAL A 114 -16.12 -4.40 4.22
CA VAL A 114 -16.28 -2.99 4.63
C VAL A 114 -16.89 -2.20 3.47
N GLY A 115 -18.05 -1.60 3.71
CA GLY A 115 -18.62 -0.62 2.77
C GLY A 115 -18.25 0.78 3.21
N THR A 116 -17.66 1.56 2.27
CA THR A 116 -17.16 2.89 2.59
C THR A 116 -18.07 3.95 1.97
N LYS A 117 -17.77 5.21 2.28
CA LYS A 117 -18.55 6.37 1.78
C LYS A 117 -20.02 6.30 2.20
N LEU A 118 -20.27 5.84 3.43
CA LEU A 118 -21.62 5.78 3.97
C LEU A 118 -22.36 7.11 3.86
N ASP A 119 -21.63 8.23 4.03
CA ASP A 119 -22.26 9.55 4.00
C ASP A 119 -22.88 9.90 2.66
N LEU A 120 -22.45 9.27 1.56
CA LEU A 120 -22.96 9.58 0.23
C LEU A 120 -24.22 8.79 -0.13
N ARG A 121 -24.59 7.75 0.63
CA ARG A 121 -25.73 6.92 0.23
C ARG A 121 -27.03 7.71 0.17
N ASP A 122 -27.17 8.77 0.99
CA ASP A 122 -28.36 9.61 0.99
C ASP A 122 -28.17 10.91 0.21
N ASP A 123 -27.04 11.10 -0.45
CA ASP A 123 -26.74 12.36 -1.13
C ASP A 123 -27.53 12.47 -2.45
N LYS A 124 -28.30 13.55 -2.59
CA LYS A 124 -29.18 13.70 -3.75
C LYS A 124 -28.40 13.67 -5.07
N ASP A 125 -27.30 14.42 -5.15
CA ASP A 125 -26.54 14.48 -6.40
C ASP A 125 -25.96 13.11 -6.76
N THR A 126 -25.46 12.38 -5.75
CA THR A 126 -24.91 11.03 -5.99
C THR A 126 -26.00 10.08 -6.50
N ILE A 127 -27.16 10.07 -5.83
CA ILE A 127 -28.28 9.21 -6.21
C ILE A 127 -28.72 9.48 -7.65
N GLU A 128 -28.79 10.76 -8.05
CA GLU A 128 -29.25 11.10 -9.38
C GLU A 128 -28.26 10.64 -10.46
N LYS A 129 -26.95 10.82 -10.22
CA LYS A 129 -25.98 10.40 -11.23
C LYS A 129 -25.98 8.87 -11.38
N LEU A 130 -26.20 8.14 -10.30
CA LEU A 130 -26.39 6.70 -10.40
C LEU A 130 -27.68 6.37 -11.16
N LYS A 131 -28.77 7.10 -10.87
CA LYS A 131 -30.04 6.82 -11.53
C LYS A 131 -29.93 6.99 -13.04
N GLU A 132 -29.13 7.95 -13.50
CA GLU A 132 -28.96 8.13 -14.93
C GLU A 132 -28.32 6.92 -15.60
N LYS A 133 -27.67 6.03 -14.83
CA LYS A 133 -27.10 4.80 -15.36
C LYS A 133 -27.91 3.57 -14.97
N LYS A 134 -29.15 3.78 -14.49
CA LYS A 134 -30.03 2.69 -14.05
C LYS A 134 -29.43 1.90 -12.89
N LEU A 135 -28.74 2.59 -11.99
CA LEU A 135 -28.20 2.00 -10.77
C LEU A 135 -28.73 2.74 -9.54
N THR A 136 -28.52 2.13 -8.37
CA THR A 136 -28.86 2.69 -7.07
C THR A 136 -27.74 2.36 -6.10
N PRO A 137 -27.66 3.04 -4.95
CA PRO A 137 -26.61 2.70 -3.96
C PRO A 137 -26.77 1.27 -3.43
N ILE A 138 -25.71 0.75 -2.82
CA ILE A 138 -25.74 -0.57 -2.20
C ILE A 138 -26.33 -0.45 -0.79
N THR A 139 -27.35 -1.27 -0.48
CA THR A 139 -28.00 -1.19 0.82
C THR A 139 -27.57 -2.33 1.74
N TYR A 140 -27.88 -2.15 3.03
CA TYR A 140 -27.41 -3.05 4.08
C TYR A 140 -27.63 -4.53 3.77
N PRO A 141 -28.80 -4.99 3.33
CA PRO A 141 -28.96 -6.44 3.10
C PRO A 141 -28.09 -6.99 1.98
N GLN A 142 -27.80 -6.19 0.95
CA GLN A 142 -26.85 -6.62 -0.08
C GLN A 142 -25.49 -6.89 0.54
N GLY A 143 -25.03 -6.01 1.42
CA GLY A 143 -23.76 -6.24 2.09
C GLY A 143 -23.78 -7.49 2.95
N LEU A 144 -24.89 -7.70 3.66
CA LEU A 144 -25.02 -8.93 4.44
C LEU A 144 -24.93 -10.16 3.54
N ALA A 145 -25.59 -10.14 2.38
CA ALA A 145 -25.59 -11.31 1.49
C ALA A 145 -24.21 -11.54 0.89
N MET A 146 -23.49 -10.44 0.56
CA MET A 146 -22.14 -10.64 0.02
C MET A 146 -21.19 -11.17 1.08
N ALA A 147 -21.32 -10.67 2.32
CA ALA A 147 -20.46 -11.15 3.39
C ALA A 147 -20.65 -12.65 3.63
N LYS A 148 -21.90 -13.12 3.60
CA LYS A 148 -22.16 -14.56 3.75
C LYS A 148 -21.52 -15.34 2.60
N GLU A 149 -21.62 -14.81 1.39
CA GLU A 149 -21.14 -15.54 0.22
C GLU A 149 -19.63 -15.74 0.27
N ILE A 150 -18.88 -14.75 0.75
CA ILE A 150 -17.41 -14.86 0.77
C ILE A 150 -16.88 -15.34 2.11
N GLY A 151 -17.75 -15.68 3.07
CA GLY A 151 -17.33 -16.14 4.38
C GLY A 151 -16.73 -15.08 5.28
N ALA A 152 -17.10 -13.81 5.10
CA ALA A 152 -16.59 -12.75 5.97
C ALA A 152 -17.11 -12.93 7.39
N VAL A 153 -16.27 -12.63 8.37
CA VAL A 153 -16.71 -12.79 9.75
C VAL A 153 -17.56 -11.61 10.23
N LYS A 154 -17.52 -10.46 9.55
CA LYS A 154 -18.38 -9.32 9.84
C LYS A 154 -18.57 -8.50 8.56
N TYR A 155 -19.72 -7.82 8.47
CA TYR A 155 -19.95 -6.76 7.49
C TYR A 155 -20.18 -5.45 8.24
N LEU A 156 -19.46 -4.40 7.84
CA LEU A 156 -19.49 -3.10 8.52
C LEU A 156 -19.51 -1.97 7.50
N GLU A 157 -20.23 -0.88 7.81
CA GLU A 157 -20.30 0.30 6.97
C GLU A 157 -19.69 1.49 7.71
N CYS A 158 -19.04 2.40 6.97
CA CYS A 158 -18.34 3.51 7.61
C CYS A 158 -18.15 4.68 6.64
N SER A 159 -17.76 5.83 7.21
CA SER A 159 -17.48 7.05 6.47
C SER A 159 -16.15 7.65 6.94
N ALA A 160 -15.21 7.82 6.00
CA ALA A 160 -13.99 8.55 6.37
C ALA A 160 -14.29 10.02 6.62
N LEU A 161 -15.34 10.55 5.97
CA LEU A 161 -15.65 11.98 6.07
C LEU A 161 -16.14 12.35 7.46
N THR A 162 -17.14 11.64 7.95
CA THR A 162 -17.78 11.95 9.23
C THR A 162 -17.23 11.14 10.38
N GLN A 163 -16.43 10.10 10.09
CA GLN A 163 -15.90 9.10 11.01
C GLN A 163 -16.96 8.17 11.61
N ARG A 164 -18.20 8.23 11.14
CA ARG A 164 -19.20 7.24 11.57
C ARG A 164 -18.76 5.82 11.25
N GLY A 165 -18.79 4.94 12.26
CA GLY A 165 -18.44 3.54 12.10
C GLY A 165 -16.96 3.23 11.91
N LEU A 166 -16.09 4.25 11.87
CA LEU A 166 -14.71 4.05 11.43
C LEU A 166 -13.86 3.32 12.46
N LYS A 167 -13.85 3.79 13.70
CA LYS A 167 -13.11 3.09 14.75
C LYS A 167 -13.60 1.66 14.95
N THR A 168 -14.92 1.44 14.79
CA THR A 168 -15.46 0.09 14.93
C THR A 168 -14.84 -0.88 13.92
N VAL A 169 -14.62 -0.42 12.68
CA VAL A 169 -13.99 -1.27 11.66
C VAL A 169 -12.70 -1.88 12.19
N PHE A 170 -11.82 -1.04 12.72
CA PHE A 170 -10.50 -1.53 13.11
C PHE A 170 -10.54 -2.25 14.46
N ASP A 171 -11.44 -1.86 15.36
CA ASP A 171 -11.67 -2.66 16.58
C ASP A 171 -12.05 -4.09 16.22
N GLU A 172 -12.98 -4.25 15.26
CA GLU A 172 -13.45 -5.58 14.91
C GLU A 172 -12.40 -6.36 14.14
N ALA A 173 -11.55 -5.69 13.35
CA ALA A 173 -10.43 -6.38 12.72
C ALA A 173 -9.53 -7.02 13.77
N ILE A 174 -9.24 -6.31 14.86
CA ILE A 174 -8.42 -6.85 15.93
C ILE A 174 -9.13 -8.03 16.60
N ARG A 175 -10.43 -7.91 16.86
CA ARG A 175 -11.15 -9.00 17.52
C ARG A 175 -11.23 -10.26 16.66
N ALA A 176 -11.18 -10.11 15.34
CA ALA A 176 -11.18 -11.27 14.46
C ALA A 176 -9.92 -12.12 14.61
N VAL A 177 -8.83 -11.55 15.13
CA VAL A 177 -7.57 -12.26 15.31
C VAL A 177 -7.43 -12.83 16.71
N LEU A 178 -7.80 -12.06 17.73
CA LEU A 178 -7.64 -12.46 19.15
C LEU A 178 -8.37 -13.77 19.50
N ARG B 3 -2.75 25.93 -6.07
CA ARG B 3 -2.48 25.35 -4.76
C ARG B 3 -2.39 23.82 -4.83
N LYS B 4 -3.29 23.20 -5.60
CA LYS B 4 -3.34 21.74 -5.60
C LYS B 4 -2.06 21.13 -6.16
N LYS B 5 -1.53 21.69 -7.25
CA LYS B 5 -0.29 21.13 -7.77
C LYS B 5 0.88 21.37 -6.82
N GLU B 6 0.79 22.43 -6.00
CA GLU B 6 1.82 22.63 -4.98
C GLU B 6 1.75 21.57 -3.88
N PHE B 7 0.54 21.18 -3.47
CA PHE B 7 0.41 20.11 -2.49
C PHE B 7 0.94 18.79 -3.03
N ILE B 8 0.68 18.51 -4.31
CA ILE B 8 1.15 17.25 -4.88
C ILE B 8 2.67 17.21 -4.94
N MET B 9 3.29 18.30 -5.44
CA MET B 9 4.75 18.34 -5.47
C MET B 9 5.35 18.20 -4.09
N ALA B 10 4.73 18.82 -3.08
CA ALA B 10 5.26 18.70 -1.72
C ALA B 10 5.18 17.26 -1.24
N GLU B 11 4.08 16.57 -1.54
CA GLU B 11 3.96 15.17 -1.08
C GLU B 11 4.97 14.29 -1.80
N LEU B 12 5.18 14.54 -3.10
CA LEU B 12 6.17 13.78 -3.86
C LEU B 12 7.55 13.89 -3.21
N LEU B 13 7.98 15.12 -2.89
CA LEU B 13 9.29 15.32 -2.27
C LEU B 13 9.33 14.77 -0.85
N GLN B 14 8.29 14.99 -0.06
CA GLN B 14 8.39 14.54 1.33
C GLN B 14 8.38 13.01 1.42
N THR B 15 7.57 12.34 0.58
CA THR B 15 7.57 10.88 0.60
C THR B 15 8.81 10.28 -0.05
N GLU B 16 9.50 11.03 -0.91
CA GLU B 16 10.77 10.56 -1.45
C GLU B 16 11.86 10.56 -0.38
N LYS B 17 11.95 11.63 0.43
CA LYS B 17 12.85 11.64 1.58
C LYS B 17 12.56 10.50 2.55
N ALA B 18 11.27 10.25 2.83
CA ALA B 18 10.92 9.14 3.73
C ALA B 18 11.36 7.80 3.16
N TYR B 19 11.21 7.62 1.83
CA TYR B 19 11.62 6.38 1.18
C TYR B 19 13.13 6.18 1.25
N VAL B 20 13.91 7.24 1.00
CA VAL B 20 15.37 7.14 1.11
C VAL B 20 15.76 6.79 2.54
N ARG B 21 15.16 7.47 3.52
CA ARG B 21 15.42 7.18 4.93
C ARG B 21 15.10 5.72 5.25
N ASP B 22 13.93 5.24 4.81
CA ASP B 22 13.53 3.86 5.10
C ASP B 22 14.51 2.85 4.53
N LEU B 23 14.93 3.04 3.27
CA LEU B 23 15.88 2.09 2.68
C LEU B 23 17.22 2.15 3.40
N HIS B 24 17.64 3.36 3.81
CA HIS B 24 18.89 3.51 4.53
C HIS B 24 18.86 2.77 5.86
N GLU B 25 17.74 2.87 6.59
CA GLU B 25 17.59 2.16 7.86
C GLU B 25 17.64 0.65 7.65
N CYS B 26 16.93 0.15 6.61
CA CYS B 26 16.92 -1.28 6.33
C CYS B 26 18.33 -1.80 6.02
N LEU B 27 19.11 -1.03 5.27
CA LEU B 27 20.47 -1.46 4.92
C LEU B 27 21.38 -1.48 6.14
N GLU B 28 21.28 -0.47 7.00
CA GLU B 28 22.22 -0.35 8.12
C GLU B 28 21.79 -1.13 9.35
N THR B 29 20.62 -1.80 9.30
CA THR B 29 20.18 -2.66 10.39
C THR B 29 20.11 -4.11 9.95
N TYR B 30 19.10 -4.51 9.18
CA TYR B 30 18.91 -5.92 8.85
C TYR B 30 20.06 -6.46 8.01
N LEU B 31 20.50 -5.69 7.00
CA LEU B 31 21.62 -6.16 6.18
C LEU B 31 22.94 -6.12 6.96
N TRP B 32 23.17 -5.02 7.70
CA TRP B 32 24.47 -4.86 8.36
C TRP B 32 24.73 -5.98 9.35
N GLU B 33 23.67 -6.50 9.99
CA GLU B 33 23.84 -7.60 10.94
C GLU B 33 24.29 -8.88 10.24
N MET B 34 23.85 -9.11 9.00
CA MET B 34 24.26 -10.30 8.27
C MET B 34 25.72 -10.19 7.82
N THR B 35 26.09 -9.07 7.20
CA THR B 35 27.41 -8.93 6.59
C THR B 35 28.48 -8.48 7.57
N SER B 36 28.10 -8.01 8.76
CA SER B 36 29.07 -7.46 9.69
C SER B 36 30.06 -8.52 10.15
N GLY B 37 29.56 -9.70 10.50
CA GLY B 37 30.35 -10.65 11.25
C GLY B 37 30.29 -10.43 12.74
N VAL B 38 29.31 -9.67 13.23
CA VAL B 38 29.18 -9.46 14.67
C VAL B 38 28.50 -10.65 15.34
N GLU B 39 27.55 -11.32 14.67
CA GLU B 39 26.83 -12.38 15.35
C GLU B 39 26.50 -13.59 14.46
N GLU B 40 25.37 -14.24 14.72
CA GLU B 40 25.14 -15.66 14.41
C GLU B 40 24.11 -15.80 13.30
N ILE B 41 24.55 -16.32 12.16
CA ILE B 41 23.70 -16.44 10.98
C ILE B 41 23.32 -17.92 10.83
N PRO B 42 22.05 -18.27 10.95
CA PRO B 42 21.62 -19.67 10.75
C PRO B 42 22.06 -20.20 9.40
N PRO B 43 22.34 -21.50 9.31
CA PRO B 43 22.88 -22.06 8.05
C PRO B 43 21.96 -21.95 6.85
N GLY B 44 20.65 -21.76 7.07
CA GLY B 44 19.69 -21.66 5.97
C GLY B 44 19.71 -20.34 5.25
N ILE B 45 20.27 -19.28 5.86
CA ILE B 45 20.42 -17.98 5.23
C ILE B 45 21.86 -17.52 5.13
N LEU B 46 22.82 -18.30 5.62
CA LEU B 46 24.22 -17.93 5.55
C LEU B 46 24.65 -17.74 4.08
N ASN B 47 25.32 -16.61 3.82
CA ASN B 47 25.80 -16.24 2.49
C ASN B 47 24.67 -16.01 1.49
N LYS B 48 23.47 -15.75 1.97
CA LYS B 48 22.31 -15.58 1.09
C LYS B 48 21.68 -14.20 1.22
N GLU B 49 22.47 -13.22 1.68
CA GLU B 49 22.01 -11.83 1.69
C GLU B 49 21.51 -11.39 0.32
N HIS B 50 22.10 -11.92 -0.74
CA HIS B 50 21.73 -11.47 -2.08
C HIS B 50 20.33 -11.95 -2.48
N ILE B 51 19.86 -13.05 -1.92
CA ILE B 51 18.49 -13.48 -2.20
C ILE B 51 17.50 -12.71 -1.34
N ILE B 52 17.85 -12.49 -0.07
CA ILE B 52 16.94 -11.82 0.86
C ILE B 52 16.71 -10.37 0.44
N PHE B 53 17.77 -9.67 0.10
CA PHE B 53 17.67 -8.23 -0.14
C PHE B 53 17.62 -7.86 -1.61
N GLY B 54 17.79 -8.83 -2.51
CA GLY B 54 17.83 -8.55 -3.93
C GLY B 54 18.83 -7.45 -4.26
N ASN B 55 18.42 -6.56 -5.16
CA ASN B 55 19.26 -5.42 -5.55
C ASN B 55 18.81 -4.12 -4.87
N ILE B 56 18.31 -4.20 -3.63
CA ILE B 56 17.82 -2.99 -2.97
C ILE B 56 18.96 -2.01 -2.67
N GLN B 57 20.21 -2.47 -2.62
CA GLN B 57 21.34 -1.55 -2.47
C GLN B 57 21.44 -0.61 -3.66
N GLU B 58 21.35 -1.17 -4.88
CA GLU B 58 21.46 -0.36 -6.09
C GLU B 58 20.26 0.57 -6.27
N ILE B 59 19.06 0.15 -5.84
CA ILE B 59 17.91 1.06 -5.87
C ILE B 59 18.14 2.21 -4.90
N TYR B 60 18.61 1.91 -3.68
CA TYR B 60 18.94 2.97 -2.72
C TYR B 60 19.95 3.94 -3.29
N ASP B 61 21.03 3.43 -3.90
CA ASP B 61 22.07 4.30 -4.43
C ASP B 61 21.49 5.27 -5.46
N PHE B 62 20.57 4.80 -6.31
CA PHE B 62 19.98 5.65 -7.34
C PHE B 62 19.17 6.79 -6.73
N HIS B 63 18.33 6.49 -5.73
CA HIS B 63 17.46 7.53 -5.15
C HIS B 63 18.26 8.47 -4.25
N ASN B 64 19.24 7.94 -3.51
CA ASN B 64 20.03 8.75 -2.57
C ASN B 64 21.06 9.63 -3.30
N ASN B 65 21.72 9.10 -4.32
CA ASN B 65 22.74 9.84 -5.07
C ASN B 65 22.16 10.73 -6.17
N ILE B 66 21.06 10.33 -6.82
CA ILE B 66 20.58 10.99 -8.03
C ILE B 66 19.14 11.51 -7.92
N PHE B 67 18.17 10.61 -7.70
CA PHE B 67 16.78 10.96 -8.04
C PHE B 67 16.19 11.97 -7.05
N LEU B 68 16.44 11.82 -5.75
CA LEU B 68 15.92 12.81 -4.82
C LEU B 68 16.48 14.19 -5.12
N LYS B 69 17.79 14.28 -5.37
CA LYS B 69 18.40 15.57 -5.69
C LYS B 69 17.80 16.17 -6.97
N GLU B 70 17.53 15.35 -7.98
CA GLU B 70 16.97 15.91 -9.21
C GLU B 70 15.51 16.30 -9.03
N LEU B 71 14.74 15.51 -8.26
CA LEU B 71 13.37 15.91 -8.00
C LEU B 71 13.31 17.24 -7.25
N GLU B 72 14.20 17.46 -6.29
CA GLU B 72 14.23 18.74 -5.56
C GLU B 72 14.43 19.92 -6.51
N LYS B 73 15.19 19.72 -7.60
CA LYS B 73 15.40 20.80 -8.56
C LYS B 73 14.11 21.16 -9.30
N TYR B 74 13.12 20.27 -9.32
CA TYR B 74 11.82 20.54 -9.95
C TYR B 74 10.78 21.09 -8.97
N GLU B 75 11.18 21.45 -7.73
CA GLU B 75 10.18 21.83 -6.73
C GLU B 75 9.28 22.98 -7.20
N GLN B 76 9.86 23.98 -7.86
CA GLN B 76 9.09 25.11 -8.36
C GLN B 76 8.65 24.92 -9.82
N LEU B 77 8.75 23.69 -10.33
CA LEU B 77 8.39 23.40 -11.72
C LEU B 77 7.50 22.16 -11.81
N PRO B 78 6.41 22.11 -11.05
CA PRO B 78 5.63 20.86 -11.01
C PRO B 78 5.10 20.42 -12.36
N GLU B 79 4.76 21.37 -13.24
CA GLU B 79 4.26 21.01 -14.56
C GLU B 79 5.29 20.31 -15.43
N ASP B 80 6.58 20.42 -15.11
CA ASP B 80 7.64 19.84 -15.92
C ASP B 80 8.23 18.56 -15.32
N VAL B 81 7.76 18.13 -14.15
CA VAL B 81 8.44 17.05 -13.42
C VAL B 81 8.32 15.71 -14.15
N GLY B 82 7.35 15.56 -15.05
CA GLY B 82 7.31 14.37 -15.89
C GLY B 82 8.64 14.12 -16.60
N HIS B 83 9.36 15.19 -16.95
CA HIS B 83 10.64 15.06 -17.64
C HIS B 83 11.70 14.36 -16.77
N CYS B 84 11.60 14.46 -15.43
CA CYS B 84 12.55 13.76 -14.55
C CYS B 84 12.48 12.25 -14.76
N PHE B 85 11.26 11.73 -14.92
CA PHE B 85 11.09 10.29 -15.09
C PHE B 85 11.51 9.85 -16.47
N VAL B 86 11.36 10.73 -17.46
CA VAL B 86 11.89 10.44 -18.80
C VAL B 86 13.41 10.36 -18.78
N THR B 87 14.07 11.38 -18.22
CA THR B 87 15.53 11.41 -18.15
C THR B 87 16.10 10.12 -17.55
N TRP B 88 15.53 9.68 -16.43
CA TRP B 88 16.10 8.59 -15.66
C TRP B 88 15.37 7.26 -15.86
N ALA B 89 14.65 7.11 -16.98
CA ALA B 89 13.81 5.92 -17.18
C ALA B 89 14.60 4.62 -17.11
N ASP B 90 15.85 4.62 -17.56
CA ASP B 90 16.59 3.36 -17.62
C ASP B 90 16.91 2.84 -16.23
N LYS B 91 17.12 3.73 -15.25
CA LYS B 91 17.40 3.30 -13.89
C LYS B 91 16.22 2.53 -13.29
N PHE B 92 14.99 2.87 -13.67
CA PHE B 92 13.81 2.22 -13.10
C PHE B 92 13.69 0.77 -13.51
N GLN B 93 14.43 0.32 -14.52
CA GLN B 93 14.47 -1.09 -14.87
C GLN B 93 14.93 -1.97 -13.72
N MET B 94 15.64 -1.44 -12.72
CA MET B 94 16.05 -2.38 -11.67
C MET B 94 14.92 -2.75 -10.70
N TYR B 95 13.76 -2.08 -10.78
CA TYR B 95 12.59 -2.56 -10.06
C TYR B 95 12.03 -3.84 -10.68
N VAL B 96 12.28 -4.08 -11.96
CA VAL B 96 11.89 -5.36 -12.55
C VAL B 96 12.69 -6.49 -11.92
N THR B 97 14.02 -6.34 -11.86
CA THR B 97 14.87 -7.29 -11.15
C THR B 97 14.40 -7.52 -9.72
N TYR B 98 14.06 -6.44 -9.02
CA TYR B 98 13.69 -6.54 -7.60
C TYR B 98 12.41 -7.32 -7.41
N CYS B 99 11.37 -6.99 -8.19
CA CYS B 99 10.08 -7.66 -8.05
C CYS B 99 10.18 -9.15 -8.38
N LYS B 100 10.95 -9.51 -9.42
CA LYS B 100 11.12 -10.92 -9.78
C LYS B 100 11.66 -11.74 -8.61
N ASN B 101 12.62 -11.18 -7.87
CA ASN B 101 13.27 -11.89 -6.78
C ASN B 101 12.42 -11.94 -5.50
N LYS B 102 11.40 -11.10 -5.38
CA LYS B 102 10.70 -10.95 -4.11
C LYS B 102 10.08 -12.24 -3.57
N PRO B 103 9.46 -13.13 -4.38
CA PRO B 103 8.95 -14.39 -3.79
C PRO B 103 10.05 -15.28 -3.22
N ASP B 104 11.19 -15.39 -3.92
CA ASP B 104 12.29 -16.18 -3.39
C ASP B 104 12.81 -15.60 -2.07
N SER B 105 12.85 -14.27 -1.95
CA SER B 105 13.25 -13.65 -0.70
C SER B 105 12.29 -14.01 0.43
N ASN B 106 10.99 -13.85 0.20
CA ASN B 106 10.01 -14.12 1.27
C ASN B 106 10.04 -15.59 1.70
N GLN B 107 10.14 -16.51 0.74
CA GLN B 107 10.16 -17.94 1.09
C GLN B 107 11.40 -18.29 1.92
N LEU B 108 12.56 -17.73 1.56
CA LEU B 108 13.78 -17.97 2.32
C LEU B 108 13.65 -17.51 3.76
N ILE B 109 13.15 -16.29 3.96
CA ILE B 109 13.01 -15.74 5.32
C ILE B 109 12.09 -16.61 6.16
N LEU B 110 10.96 -17.03 5.61
CA LEU B 110 10.01 -17.84 6.36
C LEU B 110 10.61 -19.21 6.71
N GLU B 111 11.07 -19.94 5.70
CA GLU B 111 11.46 -21.34 5.88
C GLU B 111 12.83 -21.50 6.55
N HIS B 112 13.65 -20.47 6.61
CA HIS B 112 15.03 -20.66 7.06
C HIS B 112 15.60 -19.56 7.94
N ALA B 113 14.94 -18.41 8.10
CA ALA B 113 15.52 -17.38 8.95
C ALA B 113 15.12 -17.48 10.40
N GLY B 114 14.08 -18.27 10.70
CA GLY B 114 13.58 -18.33 12.06
C GLY B 114 13.26 -16.95 12.61
N THR B 115 13.68 -16.71 13.85
CA THR B 115 13.48 -15.44 14.52
C THR B 115 14.69 -14.51 14.39
N PHE B 116 15.62 -14.82 13.48
CA PHE B 116 16.86 -14.04 13.39
C PHE B 116 16.57 -12.55 13.19
N PHE B 117 15.66 -12.24 12.28
CA PHE B 117 15.37 -10.83 11.97
C PHE B 117 14.41 -10.20 12.98
N ASP B 118 13.48 -10.99 13.54
CA ASP B 118 12.65 -10.48 14.63
C ASP B 118 13.49 -10.04 15.82
N GLU B 119 14.57 -10.78 16.13
CA GLU B 119 15.44 -10.40 17.22
C GLU B 119 16.16 -9.09 16.93
N ILE B 120 16.72 -8.95 15.73
CA ILE B 120 17.37 -7.69 15.35
C ILE B 120 16.39 -6.52 15.50
N GLN B 121 15.14 -6.72 15.07
CA GLN B 121 14.14 -5.66 15.12
C GLN B 121 13.86 -5.21 16.56
N GLN B 122 13.66 -6.18 17.46
CA GLN B 122 13.49 -5.84 18.88
C GLN B 122 14.74 -5.16 19.41
N ARG B 123 15.92 -5.67 19.03
CA ARG B 123 17.18 -5.10 19.50
C ARG B 123 17.29 -3.61 19.16
N HIS B 124 16.92 -3.21 17.94
CA HIS B 124 17.08 -1.83 17.52
C HIS B 124 15.86 -0.95 17.80
N GLY B 125 14.75 -1.54 18.24
CA GLY B 125 13.55 -0.75 18.52
C GLY B 125 12.76 -0.31 17.30
N LEU B 126 12.75 -1.11 16.24
CA LEU B 126 12.16 -0.72 14.97
C LEU B 126 10.68 -1.06 14.93
N ALA B 127 9.85 -0.08 14.54
CA ALA B 127 8.43 -0.34 14.33
C ALA B 127 8.19 -1.25 13.14
N ASN B 128 9.10 -1.26 12.17
CA ASN B 128 8.91 -1.98 10.92
C ASN B 128 9.74 -3.26 10.89
N SER B 129 9.08 -4.38 10.64
CA SER B 129 9.77 -5.65 10.43
C SER B 129 10.57 -5.60 9.13
N ILE B 130 11.47 -6.58 8.96
CA ILE B 130 12.20 -6.66 7.71
C ILE B 130 11.23 -6.83 6.53
N SER B 131 10.13 -7.55 6.75
CA SER B 131 9.13 -7.69 5.68
C SER B 131 8.49 -6.34 5.32
N SER B 132 8.27 -5.48 6.33
CA SER B 132 7.69 -4.17 6.05
C SER B 132 8.62 -3.32 5.18
N TYR B 133 9.93 -3.40 5.43
CA TYR B 133 10.87 -2.66 4.60
C TYR B 133 10.97 -3.22 3.19
N LEU B 134 10.97 -4.54 3.05
CA LEU B 134 11.26 -5.13 1.74
C LEU B 134 10.10 -4.99 0.76
N ILE B 135 8.88 -4.71 1.24
CA ILE B 135 7.76 -4.42 0.32
C ILE B 135 7.77 -2.97 -0.19
N LYS B 136 8.58 -2.09 0.40
CA LYS B 136 8.49 -0.68 0.03
C LYS B 136 8.88 -0.39 -1.42
N PRO B 137 9.91 -1.05 -2.01
CA PRO B 137 10.18 -0.79 -3.43
C PRO B 137 9.00 -1.15 -4.32
N VAL B 138 8.26 -2.20 -3.97
CA VAL B 138 7.05 -2.58 -4.72
C VAL B 138 5.98 -1.50 -4.59
N GLN B 139 5.78 -0.98 -3.39
CA GLN B 139 4.81 0.11 -3.20
C GLN B 139 5.26 1.38 -3.94
N ARG B 140 6.53 1.73 -3.82
CA ARG B 140 6.95 3.02 -4.39
C ARG B 140 6.83 3.03 -5.91
N VAL B 141 7.19 1.92 -6.56
CA VAL B 141 7.21 1.94 -8.03
C VAL B 141 5.79 1.96 -8.61
N THR B 142 4.76 1.62 -7.81
CA THR B 142 3.38 1.73 -8.26
C THR B 142 2.71 3.02 -7.77
N LYS B 143 3.43 3.84 -7.02
CA LYS B 143 2.91 5.09 -6.48
C LYS B 143 3.17 6.29 -7.39
N TYR B 144 4.31 6.32 -8.08
CA TYR B 144 4.65 7.49 -8.90
C TYR B 144 3.55 7.79 -9.92
N GLN B 145 2.98 6.75 -10.53
CA GLN B 145 1.93 6.99 -11.54
C GLN B 145 0.71 7.67 -10.92
N LEU B 146 0.40 7.39 -9.66
CA LEU B 146 -0.74 8.06 -9.03
C LEU B 146 -0.48 9.56 -8.90
N LEU B 147 0.74 9.93 -8.47
CA LEU B 147 1.07 11.33 -8.29
C LEU B 147 1.08 12.07 -9.62
N LEU B 148 1.58 11.42 -10.68
CA LEU B 148 1.56 12.06 -11.99
C LEU B 148 0.13 12.22 -12.50
N LYS B 149 -0.72 11.20 -12.30
CA LYS B 149 -2.13 11.32 -12.65
C LYS B 149 -2.78 12.52 -11.95
N GLU B 150 -2.49 12.72 -10.66
CA GLU B 150 -3.07 13.85 -9.95
C GLU B 150 -2.60 15.17 -10.55
N LEU B 151 -1.32 15.27 -10.93
CA LEU B 151 -0.84 16.52 -11.53
C LEU B 151 -1.58 16.81 -12.83
N LEU B 152 -1.93 15.78 -13.59
CA LEU B 152 -2.65 16.01 -14.83
C LEU B 152 -4.04 16.58 -14.60
N THR B 153 -4.65 16.34 -13.44
CA THR B 153 -5.96 16.95 -13.18
C THR B 153 -5.89 18.44 -12.91
N CYS B 154 -4.70 19.03 -12.77
CA CYS B 154 -4.65 20.44 -12.38
C CYS B 154 -3.50 21.21 -13.05
N CYS B 155 -2.90 20.67 -14.10
CA CYS B 155 -1.93 21.39 -14.92
C CYS B 155 -2.54 21.64 -16.29
N GLU B 156 -2.12 22.74 -16.94
CA GLU B 156 -2.83 23.27 -18.10
C GLU B 156 -2.77 22.36 -19.33
N GLU B 157 -1.90 22.69 -20.28
CA GLU B 157 -1.79 21.93 -21.51
C GLU B 157 -0.38 22.09 -22.05
N GLY B 158 0.43 22.88 -21.34
CA GLY B 158 1.86 22.71 -21.36
C GLY B 158 2.17 21.51 -20.47
N LYS B 159 1.29 20.51 -20.52
CA LYS B 159 1.34 19.31 -19.72
C LYS B 159 1.65 18.07 -20.55
N GLY B 160 2.25 18.24 -21.73
CA GLY B 160 2.87 17.11 -22.40
C GLY B 160 4.08 16.59 -21.65
N GLU B 161 4.70 17.43 -20.83
CA GLU B 161 5.75 17.04 -19.90
C GLU B 161 5.18 16.49 -18.60
N LEU B 162 4.07 15.79 -18.69
CA LEU B 162 3.56 14.94 -17.62
C LEU B 162 3.12 13.62 -18.24
N LYS B 163 2.45 13.69 -19.40
CA LYS B 163 1.99 12.47 -20.06
C LYS B 163 3.14 11.55 -20.42
N ASP B 164 4.25 12.09 -20.93
CA ASP B 164 5.38 11.23 -21.30
C ASP B 164 6.01 10.58 -20.08
N GLY B 165 6.12 11.32 -18.97
CA GLY B 165 6.64 10.72 -17.75
C GLY B 165 5.70 9.70 -17.15
N LEU B 166 4.39 9.95 -17.25
CA LEU B 166 3.41 8.97 -16.82
C LEU B 166 3.50 7.70 -17.65
N GLU B 167 3.68 7.84 -18.97
CA GLU B 167 3.81 6.66 -19.82
C GLU B 167 4.96 5.77 -19.37
N VAL B 168 6.11 6.37 -19.03
CA VAL B 168 7.24 5.63 -18.47
C VAL B 168 6.81 4.92 -17.18
N MET B 169 6.16 5.64 -16.27
CA MET B 169 5.85 5.06 -14.97
C MET B 169 4.60 4.17 -14.96
N LEU B 170 3.96 3.96 -16.11
CA LEU B 170 3.04 2.85 -16.30
C LEU B 170 3.70 1.66 -16.97
N SER B 171 4.71 1.92 -17.80
CA SER B 171 5.44 0.87 -18.50
C SER B 171 6.28 0.04 -17.54
N VAL B 172 6.88 0.69 -16.55
CA VAL B 172 7.81 0.04 -15.62
C VAL B 172 7.07 -0.97 -14.74
N PRO B 173 6.04 -0.58 -13.96
CA PRO B 173 5.37 -1.62 -13.14
C PRO B 173 4.63 -2.66 -13.96
N LYS B 174 4.20 -2.35 -15.20
CA LYS B 174 3.61 -3.38 -16.04
C LYS B 174 4.65 -4.41 -16.47
N LYS B 175 5.86 -3.95 -16.81
CA LYS B 175 6.95 -4.88 -17.14
C LYS B 175 7.34 -5.72 -15.94
N ALA B 176 7.41 -5.10 -14.75
CA ALA B 176 7.71 -5.86 -13.55
C ALA B 176 6.63 -6.91 -13.29
N ASN B 177 5.35 -6.49 -13.38
CA ASN B 177 4.23 -7.42 -13.26
C ASN B 177 4.35 -8.60 -14.21
N ASP B 178 4.60 -8.33 -15.49
CA ASP B 178 4.66 -9.39 -16.50
C ASP B 178 5.88 -10.29 -16.36
N ALA B 179 6.86 -9.89 -15.56
CA ALA B 179 8.04 -10.72 -15.32
C ALA B 179 7.85 -11.73 -14.20
N MET B 180 6.79 -11.63 -13.41
CA MET B 180 6.57 -12.56 -12.31
C MET B 180 6.11 -13.92 -12.85
N HIS B 181 6.53 -14.98 -12.14
CA HIS B 181 6.30 -16.36 -12.60
C HIS B 181 4.81 -16.70 -12.72
C1 EDO C . -30.87 4.60 4.76
O1 EDO C . -30.55 5.39 3.61
C2 EDO C . -31.95 5.29 5.57
O2 EDO C . -31.95 6.70 5.34
#